data_8Q5N
#
_entry.id   8Q5N
#
_cell.length_a   38.480
_cell.length_b   58.760
_cell.length_c   75.590
_cell.angle_alpha   90.000
_cell.angle_beta   97.230
_cell.angle_gamma   90.000
#
_symmetry.space_group_name_H-M   'P 1 21 1'
#
loop_
_entity.id
_entity.type
_entity.pdbx_description
1 polymer 'Restriction endonuclease (NhoI)'
2 non-polymer 1,2-ETHANEDIOL
3 non-polymer 'CALCIUM ION'
4 water water
#
_entity_poly.entity_id   1
_entity_poly.type   'polypeptide(L)'
_entity_poly.pdbx_seq_one_letter_code
;GSMSRPPSYAGDMNLENLTTRELLAVSRASLRELKRRGVIRSGNAPAGDYAELLVQRATDGELANASQKSWDIRTTEGDR
LQVKARVITDEHANGERQLSTIRSWDFDAAVIVLFDDNFRVWRAARVPAAIMKEAAYYSQHVRGYTVYAKDALLNHSEVE
DWTEQLRSVEQ
;
_entity_poly.pdbx_strand_id   A,B
#
# COMPACT_ATOMS: atom_id res chain seq x y z
N ASN A 17 -9.43 23.13 -6.08
CA ASN A 17 -8.75 21.83 -6.01
C ASN A 17 -7.30 22.03 -6.45
N LEU A 18 -6.40 21.18 -5.97
CA LEU A 18 -4.98 21.28 -6.29
C LEU A 18 -4.57 20.16 -7.24
N THR A 19 -3.29 20.14 -7.60
CA THR A 19 -2.77 19.09 -8.44
C THR A 19 -2.61 17.80 -7.65
N THR A 20 -2.62 16.68 -8.39
CA THR A 20 -2.38 15.38 -7.78
C THR A 20 -1.07 15.34 -7.02
N ARG A 21 -0.03 15.93 -7.61
CA ARG A 21 1.29 15.92 -7.00
C ARG A 21 1.30 16.62 -5.64
N GLU A 22 0.62 17.76 -5.53
CA GLU A 22 0.57 18.48 -4.27
C GLU A 22 -0.21 17.68 -3.24
N LEU A 23 -1.32 17.10 -3.66
CA LEU A 23 -2.16 16.30 -2.77
C LEU A 23 -1.37 15.18 -2.10
N LEU A 24 -0.54 14.48 -2.88
CA LEU A 24 0.33 13.46 -2.32
C LEU A 24 1.27 14.03 -1.26
N ALA A 25 1.90 15.17 -1.58
CA ALA A 25 2.81 15.81 -0.62
C ALA A 25 2.05 16.36 0.58
N VAL A 26 0.80 16.77 0.37
CA VAL A 26 -0.03 17.22 1.49
C VAL A 26 -0.32 16.04 2.41
N SER A 27 -0.70 14.90 1.83
CA SER A 27 -1.01 13.72 2.64
C SER A 27 0.24 13.16 3.30
N ARG A 28 1.36 13.10 2.58
CA ARG A 28 2.56 12.49 3.14
C ARG A 28 3.11 13.32 4.30
N ALA A 29 2.97 14.64 4.22
CA ALA A 29 3.51 15.49 5.27
C ALA A 29 2.66 15.42 6.54
N SER A 30 1.33 15.46 6.39
CA SER A 30 0.45 15.33 7.54
C SER A 30 0.66 13.99 8.24
N LEU A 31 0.71 12.91 7.47
CA LEU A 31 0.96 11.59 8.04
C LEU A 31 2.32 11.53 8.71
N ARG A 32 3.35 12.12 8.07
CA ARG A 32 4.68 12.16 8.68
C ARG A 32 4.66 12.76 10.07
N GLU A 33 3.90 13.85 10.26
CA GLU A 33 3.84 14.49 11.56
C GLU A 33 3.02 13.67 12.54
N LEU A 34 1.81 13.27 12.15
CA LEU A 34 1.02 12.36 12.97
C LEU A 34 1.85 11.17 13.44
N LYS A 35 2.77 10.69 12.59
CA LYS A 35 3.61 9.55 12.94
C LYS A 35 4.65 9.90 13.99
N ARG A 36 5.26 11.08 13.89
CA ARG A 36 6.25 11.49 14.90
C ARG A 36 5.59 11.70 16.25
N ARG A 37 4.34 12.18 16.28
CA ARG A 37 3.63 12.42 17.52
C ARG A 37 3.13 11.12 18.17
N GLY A 38 3.40 9.98 17.56
CA GLY A 38 3.02 8.69 18.11
C GLY A 38 1.56 8.31 17.97
N VAL A 39 0.78 9.03 17.16
CA VAL A 39 -0.61 8.63 17.01
C VAL A 39 -0.73 7.47 16.03
N ILE A 40 0.14 7.44 15.00
CA ILE A 40 0.19 6.36 14.03
C ILE A 40 1.62 5.82 14.00
N ARG A 41 1.78 4.73 13.27
CA ARG A 41 3.04 3.98 13.24
C ARG A 41 3.80 4.24 11.95
N SER A 42 3.24 3.85 10.82
CA SER A 42 3.87 4.13 9.54
C SER A 42 3.19 5.30 8.87
N GLY A 43 3.85 5.85 7.86
CA GLY A 43 3.31 6.85 6.97
C GLY A 43 3.03 6.26 5.61
N ASN A 44 3.36 4.98 5.43
CA ASN A 44 3.42 4.33 4.14
C ASN A 44 2.10 3.73 3.69
N ALA A 45 1.15 3.55 4.61
CA ALA A 45 -0.10 2.83 4.33
C ALA A 45 -1.25 3.56 4.99
N PRO A 46 -1.73 4.65 4.38
CA PRO A 46 -2.78 5.46 5.02
C PRO A 46 -4.01 4.70 5.49
N ALA A 47 -4.63 3.89 4.64
CA ALA A 47 -5.85 3.22 5.06
C ALA A 47 -5.60 2.31 6.27
N GLY A 48 -4.47 1.59 6.27
CA GLY A 48 -4.15 0.74 7.40
C GLY A 48 -3.86 1.53 8.67
N ASP A 49 -3.12 2.62 8.54
CA ASP A 49 -2.84 3.49 9.68
C ASP A 49 -4.14 4.02 10.28
N TYR A 50 -5.07 4.50 9.44
CA TYR A 50 -6.33 5.01 9.95
C TYR A 50 -7.08 3.94 10.73
N ALA A 51 -7.25 2.76 10.13
CA ALA A 51 -7.96 1.67 10.77
C ALA A 51 -7.32 1.28 12.11
N GLU A 52 -5.99 1.35 12.21
CA GLU A 52 -5.35 1.07 13.49
C GLU A 52 -5.78 2.09 14.53
N LEU A 53 -5.62 3.37 14.21
CA LEU A 53 -6.11 4.43 15.09
C LEU A 53 -7.54 4.15 15.52
N LEU A 54 -8.41 3.80 14.57
CA LEU A 54 -9.82 3.62 14.89
C LEU A 54 -10.04 2.41 15.80
N VAL A 55 -9.33 1.31 15.53
CA VAL A 55 -9.49 0.12 16.35
C VAL A 55 -8.83 0.31 17.71
N GLN A 56 -7.79 1.16 17.78
CA GLN A 56 -7.19 1.48 19.06
C GLN A 56 -8.13 2.30 19.92
N ARG A 57 -8.85 3.25 19.33
CA ARG A 57 -9.73 4.10 20.11
C ARG A 57 -10.98 3.35 20.54
N ALA A 58 -11.48 2.46 19.69
CA ALA A 58 -12.71 1.75 20.03
C ALA A 58 -12.50 0.66 21.06
N THR A 59 -11.26 0.23 21.27
CA THR A 59 -10.93 -0.79 22.26
C THR A 59 -10.00 -0.33 23.37
N ASP A 60 -9.39 0.84 23.27
CA ASP A 60 -8.37 1.31 24.20
C ASP A 60 -7.25 0.28 24.31
N GLY A 61 -6.97 -0.39 23.19
CA GLY A 61 -5.93 -1.37 23.14
C GLY A 61 -4.59 -0.70 22.99
N GLU A 62 -3.53 -1.48 23.12
CA GLU A 62 -2.17 -0.97 22.98
C GLU A 62 -1.61 -1.29 21.60
N LEU A 63 -0.90 -0.34 21.01
CA LEU A 63 -0.30 -0.58 19.70
C LEU A 63 0.92 -1.46 19.77
N ALA A 64 1.06 -2.33 18.79
CA ALA A 64 2.30 -3.06 18.70
C ALA A 64 3.46 -2.11 18.41
N ASN A 65 4.66 -2.54 18.76
CA ASN A 65 5.77 -1.82 18.19
C ASN A 65 5.84 -2.09 16.67
N ALA A 66 6.67 -1.32 15.97
CA ALA A 66 6.83 -1.56 14.54
C ALA A 66 7.34 -2.98 14.29
N SER A 67 8.07 -3.52 15.26
CA SER A 67 8.75 -4.81 15.10
C SER A 67 7.80 -6.00 15.20
N GLN A 68 6.58 -5.78 15.67
CA GLN A 68 5.63 -6.87 15.89
C GLN A 68 4.86 -7.09 14.59
N LYS A 69 5.20 -8.16 13.87
CA LYS A 69 4.66 -8.38 12.53
C LYS A 69 3.44 -9.29 12.51
N SER A 70 3.14 -10.00 13.59
CA SER A 70 2.01 -10.92 13.58
C SER A 70 0.68 -10.23 13.89
N TRP A 71 0.71 -9.13 14.63
CA TRP A 71 -0.52 -8.41 14.94
C TRP A 71 -0.20 -6.94 15.18
N ASP A 72 -1.26 -6.16 15.28
CA ASP A 72 -1.16 -4.71 15.32
C ASP A 72 -1.65 -4.09 16.61
N ILE A 73 -2.68 -4.65 17.23
CA ILE A 73 -3.27 -4.10 18.43
C ILE A 73 -3.59 -5.22 19.39
N ARG A 74 -3.22 -5.05 20.65
CA ARG A 74 -3.55 -6.01 21.70
C ARG A 74 -4.57 -5.36 22.63
N THR A 75 -5.72 -6.01 22.76
CA THR A 75 -6.71 -5.52 23.69
C THR A 75 -6.22 -5.78 25.12
N THR A 76 -6.74 -4.98 26.06
CA THR A 76 -6.32 -5.11 27.44
C THR A 76 -6.70 -6.47 28.01
N GLU A 77 -7.78 -7.08 27.50
CA GLU A 77 -8.13 -8.44 27.88
C GLU A 77 -7.29 -9.49 27.16
N GLY A 78 -6.33 -9.07 26.34
CA GLY A 78 -5.39 -10.01 25.77
C GLY A 78 -5.42 -10.16 24.26
N ASP A 79 -6.60 -10.08 23.65
CA ASP A 79 -6.75 -10.44 22.24
C ASP A 79 -5.76 -9.71 21.36
N ARG A 80 -5.13 -10.47 20.46
CA ARG A 80 -4.21 -9.95 19.48
C ARG A 80 -4.95 -9.77 18.15
N LEU A 81 -4.85 -8.58 17.58
CA LEU A 81 -5.68 -8.19 16.44
C LEU A 81 -4.79 -7.80 15.28
N GLN A 82 -4.97 -8.48 14.15
CA GLN A 82 -4.33 -8.10 12.90
C GLN A 82 -5.30 -7.21 12.13
N VAL A 83 -4.91 -5.96 11.90
CA VAL A 83 -5.81 -5.00 11.27
C VAL A 83 -5.53 -4.99 9.77
N LYS A 84 -6.57 -5.26 8.97
CA LYS A 84 -6.51 -5.21 7.52
C LYS A 84 -7.56 -4.23 7.04
N ALA A 85 -7.15 -3.27 6.20
CA ALA A 85 -8.05 -2.21 5.77
C ALA A 85 -7.81 -1.86 4.30
N ARG A 86 -8.85 -1.34 3.65
CA ARG A 86 -8.82 -0.99 2.24
C ARG A 86 -9.94 -0.01 1.93
N VAL A 87 -9.70 0.88 0.95
CA VAL A 87 -10.74 1.77 0.44
C VAL A 87 -11.57 1.05 -0.62
N ILE A 88 -12.89 1.11 -0.47
CA ILE A 88 -13.86 0.53 -1.38
C ILE A 88 -14.54 1.65 -2.15
N THR A 89 -14.69 1.48 -3.46
CA THR A 89 -15.34 2.47 -4.29
C THR A 89 -16.78 2.10 -4.61
N ASP A 90 -17.07 0.81 -4.63
CA ASP A 90 -18.35 0.31 -5.12
C ASP A 90 -18.55 -1.03 -4.44
N GLU A 91 -19.55 -1.13 -3.56
CA GLU A 91 -19.75 -2.39 -2.85
C GLU A 91 -19.92 -3.59 -3.78
N HIS A 92 -20.23 -3.37 -5.07
CA HIS A 92 -20.46 -4.45 -6.02
C HIS A 92 -19.21 -4.86 -6.80
N ALA A 93 -18.12 -4.11 -6.68
CA ALA A 93 -16.83 -4.45 -7.28
C ALA A 93 -16.17 -5.56 -6.48
N ASN A 94 -16.39 -6.81 -6.91
CA ASN A 94 -15.90 -7.96 -6.16
C ASN A 94 -14.38 -7.96 -6.02
N GLY A 95 -13.67 -7.48 -7.03
CA GLY A 95 -12.22 -7.43 -7.03
C GLY A 95 -11.66 -6.43 -6.05
N GLU A 96 -12.50 -5.54 -5.52
CA GLU A 96 -12.09 -4.54 -4.55
C GLU A 96 -12.22 -5.03 -3.12
N ARG A 97 -12.90 -6.14 -2.88
CA ARG A 97 -12.91 -6.73 -1.56
C ARG A 97 -11.60 -7.44 -1.21
N GLN A 98 -10.61 -7.41 -2.11
CA GLN A 98 -9.36 -8.12 -1.88
C GLN A 98 -8.52 -7.37 -0.86
N LEU A 99 -8.06 -8.09 0.16
CA LEU A 99 -7.27 -7.52 1.23
C LEU A 99 -5.79 -7.77 0.99
N SER A 100 -4.96 -6.91 1.60
CA SER A 100 -3.51 -7.05 1.51
C SER A 100 -3.09 -8.40 2.08
N THR A 101 -1.85 -8.77 1.77
CA THR A 101 -1.35 -10.10 2.05
C THR A 101 -1.18 -10.32 3.55
N ILE A 102 -1.61 -11.48 4.03
CA ILE A 102 -1.31 -11.95 5.37
C ILE A 102 -0.12 -12.88 5.29
N ARG A 103 0.90 -12.63 6.11
CA ARG A 103 2.11 -13.44 6.10
C ARG A 103 2.36 -14.15 7.42
N SER A 104 1.44 -14.04 8.38
CA SER A 104 1.52 -14.71 9.66
C SER A 104 0.12 -15.00 10.15
N TRP A 105 -0.11 -16.20 10.68
CA TRP A 105 -1.39 -16.56 11.24
C TRP A 105 -1.36 -16.59 12.76
N ASP A 106 -0.41 -15.85 13.34
CA ASP A 106 -0.15 -15.89 14.78
C ASP A 106 -0.87 -14.72 15.45
N PHE A 107 -2.19 -14.85 15.52
CA PHE A 107 -3.05 -13.83 16.11
C PHE A 107 -4.39 -14.47 16.41
N ASP A 108 -5.23 -13.73 17.14
CA ASP A 108 -6.50 -14.26 17.65
C ASP A 108 -7.69 -13.90 16.78
N ALA A 109 -7.68 -12.71 16.16
CA ALA A 109 -8.72 -12.31 15.22
C ALA A 109 -8.17 -11.20 14.34
N ALA A 110 -8.78 -11.06 13.17
CA ALA A 110 -8.52 -9.92 12.31
C ALA A 110 -9.67 -8.93 12.40
N VAL A 111 -9.36 -7.67 12.21
CA VAL A 111 -10.37 -6.63 12.10
C VAL A 111 -10.29 -6.07 10.69
N ILE A 112 -11.35 -6.27 9.92
CA ILE A 112 -11.42 -5.81 8.55
C ILE A 112 -12.16 -4.49 8.55
N VAL A 113 -11.54 -3.44 8.02
CA VAL A 113 -12.13 -2.09 7.99
C VAL A 113 -12.17 -1.66 6.55
N LEU A 114 -13.38 -1.55 6.00
CA LEU A 114 -13.58 -1.13 4.63
C LEU A 114 -14.04 0.32 4.62
N PHE A 115 -13.22 1.20 4.05
CA PHE A 115 -13.56 2.60 3.88
C PHE A 115 -14.30 2.83 2.57
N ASP A 116 -15.11 3.89 2.54
CA ASP A 116 -15.69 4.41 1.31
C ASP A 116 -14.78 5.47 0.68
N ASP A 117 -15.30 6.14 -0.35
CA ASP A 117 -14.57 7.19 -1.07
C ASP A 117 -14.17 8.36 -0.19
N ASN A 118 -14.85 8.55 0.94
CA ASN A 118 -14.54 9.63 1.87
C ASN A 118 -13.51 9.24 2.91
N PHE A 119 -13.04 8.00 2.90
CA PHE A 119 -12.20 7.46 3.98
C PHE A 119 -12.96 7.49 5.30
N ARG A 120 -14.26 7.30 5.22
CA ARG A 120 -15.11 7.01 6.37
C ARG A 120 -15.43 5.52 6.38
N VAL A 121 -15.80 5.01 7.55
CA VAL A 121 -15.95 3.57 7.70
C VAL A 121 -17.24 3.11 7.04
N TRP A 122 -17.12 2.16 6.11
CA TRP A 122 -18.29 1.59 5.45
C TRP A 122 -18.73 0.30 6.12
N ARG A 123 -17.83 -0.66 6.28
CA ARG A 123 -18.09 -1.82 7.11
C ARG A 123 -16.82 -2.21 7.87
N ALA A 124 -17.01 -2.71 9.08
CA ALA A 124 -15.91 -3.24 9.87
C ALA A 124 -16.37 -4.49 10.58
N ALA A 125 -15.45 -5.45 10.71
CA ALA A 125 -15.84 -6.77 11.20
C ALA A 125 -14.68 -7.44 11.92
N ARG A 126 -15.00 -8.16 12.98
CA ARG A 126 -14.02 -8.89 13.78
C ARG A 126 -14.16 -10.36 13.41
N VAL A 127 -13.12 -10.90 12.78
CA VAL A 127 -13.15 -12.24 12.22
C VAL A 127 -12.14 -13.09 12.99
N PRO A 128 -12.56 -14.19 13.60
CA PRO A 128 -11.59 -15.08 14.26
C PRO A 128 -10.57 -15.60 13.26
N ALA A 129 -9.34 -15.80 13.75
CA ALA A 129 -8.26 -16.30 12.90
C ALA A 129 -8.69 -17.52 12.10
N ALA A 130 -9.46 -18.42 12.71
CA ALA A 130 -9.86 -19.66 12.05
C ALA A 130 -10.67 -19.36 10.79
N ILE A 131 -11.62 -18.43 10.90
CA ILE A 131 -12.45 -18.11 9.74
C ILE A 131 -11.63 -17.40 8.68
N MET A 132 -10.64 -16.60 9.08
CA MET A 132 -9.76 -15.97 8.10
C MET A 132 -9.00 -17.02 7.30
N LYS A 133 -8.33 -17.97 7.99
CA LYS A 133 -7.61 -19.05 7.33
C LYS A 133 -8.50 -19.79 6.34
N GLU A 134 -9.67 -20.23 6.82
CA GLU A 134 -10.64 -20.92 5.98
C GLU A 134 -10.92 -20.18 4.68
N ALA A 135 -10.78 -18.86 4.68
CA ALA A 135 -11.10 -18.04 3.52
C ALA A 135 -9.88 -17.68 2.67
N ALA A 136 -8.67 -17.97 3.13
CA ALA A 136 -7.47 -17.48 2.48
C ALA A 136 -7.04 -18.34 1.30
N TYR A 137 -6.16 -17.76 0.48
CA TYR A 137 -5.48 -18.46 -0.61
C TYR A 137 -4.00 -18.13 -0.54
N TYR A 138 -3.15 -19.17 -0.52
CA TYR A 138 -1.70 -18.96 -0.55
C TYR A 138 -1.25 -18.47 -1.92
N SER A 139 -0.25 -17.59 -1.92
CA SER A 139 0.39 -17.10 -3.13
C SER A 139 1.91 -17.19 -2.99
N GLN A 140 2.55 -17.80 -3.99
CA GLN A 140 4.00 -17.93 -3.97
C GLN A 140 4.68 -16.63 -4.39
N HIS A 141 4.00 -15.82 -5.20
CA HIS A 141 4.60 -14.56 -5.65
C HIS A 141 4.84 -13.60 -4.48
N VAL A 142 3.98 -13.65 -3.48
CA VAL A 142 4.04 -12.72 -2.36
C VAL A 142 4.49 -13.33 -1.04
N ARG A 143 4.59 -14.67 -0.94
CA ARG A 143 4.94 -15.33 0.32
C ARG A 143 3.91 -15.02 1.40
N GLY A 144 2.64 -15.16 1.05
CA GLY A 144 1.59 -14.89 2.00
C GLY A 144 0.26 -15.42 1.54
N TYR A 145 -0.80 -14.95 2.18
CA TYR A 145 -2.15 -15.43 1.94
C TYR A 145 -3.06 -14.26 1.60
N THR A 146 -4.03 -14.51 0.72
CA THR A 146 -4.94 -13.48 0.25
C THR A 146 -6.37 -13.79 0.68
N VAL A 147 -7.03 -12.81 1.27
CA VAL A 147 -8.38 -12.91 1.79
C VAL A 147 -9.25 -11.86 1.11
N TYR A 148 -10.42 -12.26 0.63
CA TYR A 148 -11.41 -11.36 0.08
C TYR A 148 -12.47 -11.12 1.13
N ALA A 149 -12.73 -9.84 1.41
CA ALA A 149 -13.72 -9.43 2.41
C ALA A 149 -15.13 -9.43 1.81
N LYS A 150 -15.56 -10.62 1.41
CA LYS A 150 -16.89 -10.76 0.82
C LYS A 150 -17.96 -10.67 1.90
N ASP A 151 -19.18 -10.34 1.46
CA ASP A 151 -20.31 -10.27 2.38
C ASP A 151 -20.45 -11.57 3.17
N ALA A 152 -20.22 -12.72 2.51
CA ALA A 152 -20.39 -14.00 3.18
C ALA A 152 -19.41 -14.15 4.34
N LEU A 153 -18.22 -13.57 4.22
CA LEU A 153 -17.31 -13.53 5.35
C LEU A 153 -17.78 -12.51 6.38
N LEU A 154 -18.14 -11.31 5.91
CA LEU A 154 -18.53 -10.23 6.81
C LEU A 154 -19.77 -10.57 7.62
N ASN A 155 -20.67 -11.40 7.09
CA ASN A 155 -21.90 -11.76 7.78
C ASN A 155 -21.85 -13.17 8.36
N HIS A 156 -20.68 -13.81 8.40
CA HIS A 156 -20.56 -15.14 8.96
C HIS A 156 -20.95 -15.14 10.44
N SER A 157 -21.55 -16.25 10.90
CA SER A 157 -22.22 -16.23 12.18
C SER A 157 -21.25 -16.13 13.35
N GLU A 158 -19.96 -16.35 13.12
CA GLU A 158 -18.95 -16.21 14.15
C GLU A 158 -18.15 -14.93 13.96
N VAL A 159 -18.68 -13.99 13.18
CA VAL A 159 -18.07 -12.69 12.94
C VAL A 159 -18.86 -11.63 13.68
N GLU A 160 -18.16 -10.63 14.21
CA GLU A 160 -18.79 -9.53 14.91
C GLU A 160 -18.82 -8.31 14.01
N ASP A 161 -19.98 -7.69 13.89
CA ASP A 161 -20.07 -6.43 13.15
C ASP A 161 -19.56 -5.31 14.06
N TRP A 162 -18.47 -4.67 13.65
CA TRP A 162 -17.88 -3.58 14.40
C TRP A 162 -18.09 -2.23 13.71
N THR A 163 -19.06 -2.18 12.79
CA THR A 163 -19.22 -1.02 11.91
C THR A 163 -19.60 0.22 12.71
N GLU A 164 -20.72 0.16 13.44
CA GLU A 164 -21.18 1.33 14.17
C GLU A 164 -20.22 1.69 15.31
N GLN A 165 -19.56 0.70 15.90
CA GLN A 165 -18.58 0.98 16.95
C GLN A 165 -17.43 1.81 16.42
N LEU A 166 -16.93 1.50 15.22
CA LEU A 166 -15.84 2.28 14.67
C LEU A 166 -16.31 3.60 14.09
N ARG A 167 -17.58 3.68 13.68
CA ARG A 167 -18.13 4.97 13.30
C ARG A 167 -18.29 5.87 14.50
N SER A 168 -18.42 5.30 15.70
CA SER A 168 -18.58 6.11 16.90
C SER A 168 -17.28 6.84 17.21
N VAL A 169 -16.15 6.13 17.20
CA VAL A 169 -14.86 6.81 17.19
C VAL A 169 -14.83 7.46 15.81
N GLU A 170 -13.87 8.33 15.53
CA GLU A 170 -13.98 9.11 14.30
C GLU A 170 -14.04 8.21 13.06
N GLN A 171 -14.60 8.76 11.97
CA GLN A 171 -14.72 8.07 10.66
C GLN A 171 -15.65 6.87 10.70
N ASN B 17 3.43 21.84 14.11
CA ASN B 17 2.73 22.69 13.15
C ASN B 17 1.29 22.94 13.56
N LEU B 18 0.37 22.04 13.19
CA LEU B 18 -1.05 22.20 13.49
C LEU B 18 -1.46 21.21 14.57
N THR B 19 -2.74 21.24 14.94
CA THR B 19 -3.24 20.30 15.92
C THR B 19 -3.39 18.92 15.30
N THR B 20 -3.31 17.89 16.15
CA THR B 20 -3.47 16.52 15.68
C THR B 20 -4.78 16.35 14.93
N ARG B 21 -5.87 16.89 15.47
CA ARG B 21 -7.17 16.73 14.84
C ARG B 21 -7.21 17.37 13.45
N GLU B 22 -6.57 18.53 13.28
CA GLU B 22 -6.56 19.14 11.96
C GLU B 22 -5.74 18.31 10.96
N LEU B 23 -4.58 17.81 11.38
CA LEU B 23 -3.79 16.96 10.49
C LEU B 23 -4.59 15.75 10.01
N LEU B 24 -5.35 15.11 10.90
CA LEU B 24 -6.21 14.01 10.47
C LEU B 24 -7.16 14.48 9.39
N ALA B 25 -7.80 15.62 9.60
CA ALA B 25 -8.72 16.16 8.59
C ALA B 25 -7.98 16.62 7.36
N VAL B 26 -6.74 17.10 7.51
CA VAL B 26 -5.93 17.48 6.36
C VAL B 26 -5.58 16.26 5.53
N SER B 27 -5.12 15.20 6.19
CA SER B 27 -4.76 13.98 5.48
C SER B 27 -5.99 13.31 4.90
N ARG B 28 -7.08 13.24 5.67
CA ARG B 28 -8.26 12.53 5.19
C ARG B 28 -8.87 13.21 3.97
N ALA B 29 -8.83 14.54 3.91
CA ALA B 29 -9.42 15.26 2.79
C ALA B 29 -8.58 15.13 1.53
N SER B 30 -7.25 15.24 1.66
CA SER B 30 -6.36 15.04 0.52
C SER B 30 -6.53 13.65 -0.08
N LEU B 31 -6.55 12.63 0.79
CA LEU B 31 -6.78 11.26 0.32
C LEU B 31 -8.15 11.14 -0.34
N ARG B 32 -9.17 11.77 0.25
CA ARG B 32 -10.49 11.78 -0.36
C ARG B 32 -10.44 12.22 -1.80
N GLU B 33 -9.68 13.28 -2.09
CA GLU B 33 -9.63 13.84 -3.44
C GLU B 33 -8.85 12.92 -4.37
N LEU B 34 -7.61 12.58 -3.99
CA LEU B 34 -6.83 11.62 -4.76
C LEU B 34 -7.64 10.39 -5.12
N LYS B 35 -8.47 9.93 -4.20
CA LYS B 35 -9.25 8.73 -4.45
C LYS B 35 -10.38 9.01 -5.45
N ARG B 36 -11.00 10.19 -5.37
CA ARG B 36 -12.06 10.53 -6.32
C ARG B 36 -11.51 10.62 -7.74
N ARG B 37 -10.28 11.13 -7.87
CA ARG B 37 -9.66 11.32 -9.17
C ARG B 37 -9.15 10.02 -9.78
N GLY B 38 -9.33 8.89 -9.10
CA GLY B 38 -8.85 7.63 -9.61
C GLY B 38 -7.34 7.47 -9.49
N VAL B 39 -6.67 8.36 -8.77
CA VAL B 39 -5.23 8.27 -8.63
C VAL B 39 -4.85 7.21 -7.59
N ILE B 40 -5.73 6.97 -6.61
CA ILE B 40 -5.47 6.01 -5.56
C ILE B 40 -6.50 4.90 -5.67
N ARG B 41 -6.07 3.66 -5.41
CA ARG B 41 -6.91 2.50 -5.61
C ARG B 41 -7.32 1.83 -4.31
N SER B 42 -6.36 1.32 -3.55
CA SER B 42 -6.65 0.66 -2.28
C SER B 42 -6.43 1.54 -1.07
N GLY B 43 -5.59 2.56 -1.20
CA GLY B 43 -5.31 3.49 -0.14
C GLY B 43 -4.06 3.16 0.65
N ASN B 44 -3.49 1.98 0.44
CA ASN B 44 -2.30 1.56 1.19
C ASN B 44 -1.00 1.90 0.48
N ALA B 45 -1.01 2.25 -0.81
CA ALA B 45 0.23 2.45 -1.56
C ALA B 45 0.12 3.68 -2.44
N PRO B 46 0.10 4.87 -1.84
CA PRO B 46 -0.06 6.10 -2.64
C PRO B 46 1.05 6.31 -3.66
N ALA B 47 2.31 6.25 -3.20
CA ALA B 47 3.43 6.51 -4.10
C ALA B 47 3.47 5.49 -5.23
N GLY B 48 3.18 4.22 -4.92
CA GLY B 48 3.18 3.22 -5.96
C GLY B 48 2.12 3.45 -7.02
N ASP B 49 0.91 3.83 -6.59
CA ASP B 49 -0.16 4.14 -7.53
C ASP B 49 0.24 5.27 -8.48
N TYR B 50 0.78 6.35 -7.91
CA TYR B 50 1.17 7.51 -8.70
C TYR B 50 2.23 7.16 -9.74
N ALA B 51 3.28 6.45 -9.31
CA ALA B 51 4.33 6.04 -10.23
C ALA B 51 3.77 5.20 -11.36
N GLU B 52 2.77 4.36 -11.06
CA GLU B 52 2.12 3.57 -12.11
C GLU B 52 1.38 4.48 -13.07
N LEU B 53 0.54 5.36 -12.55
CA LEU B 53 -0.13 6.37 -13.37
C LEU B 53 0.86 7.08 -14.30
N LEU B 54 2.01 7.49 -13.76
CA LEU B 54 2.97 8.22 -14.58
C LEU B 54 3.54 7.35 -15.68
N VAL B 55 3.85 6.10 -15.36
CA VAL B 55 4.40 5.20 -16.36
C VAL B 55 3.32 4.74 -17.32
N GLN B 56 2.08 4.66 -16.86
CA GLN B 56 0.98 4.32 -17.75
C GLN B 56 0.71 5.44 -18.74
N ARG B 57 0.81 6.70 -18.28
CA ARG B 57 0.60 7.86 -19.14
C ARG B 57 1.80 8.14 -20.05
N ALA B 58 3.03 7.89 -19.57
CA ALA B 58 4.20 8.16 -20.40
C ALA B 58 4.28 7.17 -21.55
N THR B 59 3.56 6.07 -21.42
CA THR B 59 3.31 5.09 -22.45
C THR B 59 1.80 5.15 -22.71
N ASP B 60 1.31 4.30 -23.59
CA ASP B 60 -0.13 4.16 -23.75
C ASP B 60 -0.49 2.76 -23.26
N GLY B 61 0.20 2.35 -22.19
CA GLY B 61 0.10 1.00 -21.70
C GLY B 61 -1.16 0.70 -20.97
N GLU B 62 -1.36 -0.60 -20.75
CA GLU B 62 -2.52 -1.14 -20.08
C GLU B 62 -2.10 -1.62 -18.68
N LEU B 63 -2.99 -1.40 -17.71
CA LEU B 63 -2.73 -1.88 -16.36
C LEU B 63 -3.01 -3.37 -16.28
N ALA B 64 -2.17 -4.09 -15.53
CA ALA B 64 -2.40 -5.51 -15.32
C ALA B 64 -3.70 -5.76 -14.57
N ASN B 65 -4.34 -6.89 -14.87
CA ASN B 65 -5.49 -7.36 -14.11
C ASN B 65 -5.03 -7.83 -12.72
N ALA B 66 -6.01 -8.20 -11.88
CA ALA B 66 -5.67 -8.62 -10.52
C ALA B 66 -4.76 -9.83 -10.49
N SER B 67 -4.88 -10.74 -11.45
CA SER B 67 -4.13 -12.00 -11.36
C SER B 67 -2.68 -11.90 -11.79
N GLN B 68 -2.30 -10.86 -12.53
CA GLN B 68 -0.95 -10.77 -13.06
C GLN B 68 -0.07 -10.00 -12.08
N LYS B 69 0.72 -10.75 -11.31
CA LYS B 69 1.53 -10.23 -10.21
C LYS B 69 2.95 -9.94 -10.62
N SER B 70 3.36 -10.40 -11.80
CA SER B 70 4.74 -10.30 -12.22
C SER B 70 5.08 -8.92 -12.78
N TRP B 71 4.08 -8.19 -13.27
CA TRP B 71 4.33 -6.86 -13.82
C TRP B 71 3.08 -6.02 -13.60
N ASP B 72 3.23 -4.72 -13.86
CA ASP B 72 2.21 -3.74 -13.55
C ASP B 72 1.64 -3.05 -14.77
N ILE B 73 2.44 -2.84 -15.80
CA ILE B 73 2.02 -2.11 -16.99
C ILE B 73 2.57 -2.83 -18.21
N ARG B 74 1.72 -3.03 -19.22
CA ARG B 74 2.13 -3.61 -20.50
C ARG B 74 2.08 -2.52 -21.56
N THR B 75 3.23 -2.20 -22.16
CA THR B 75 3.29 -1.18 -23.18
C THR B 75 2.60 -1.64 -24.47
N THR B 76 2.23 -0.66 -25.30
CA THR B 76 1.56 -0.99 -26.55
C THR B 76 2.44 -1.84 -27.45
N GLU B 77 3.76 -1.70 -27.35
CA GLU B 77 4.67 -2.56 -28.09
C GLU B 77 4.88 -3.93 -27.45
N GLY B 78 4.23 -4.21 -26.32
CA GLY B 78 4.28 -5.50 -25.69
C GLY B 78 4.96 -5.52 -24.33
N ASP B 79 5.98 -4.66 -24.13
CA ASP B 79 6.84 -4.72 -22.96
C ASP B 79 6.06 -4.74 -21.66
N ARG B 80 6.40 -5.68 -20.79
CA ARG B 80 5.78 -5.80 -19.47
C ARG B 80 6.72 -5.17 -18.44
N LEU B 81 6.18 -4.27 -17.62
CA LEU B 81 7.00 -3.39 -16.79
C LEU B 81 6.63 -3.58 -15.32
N GLN B 82 7.62 -3.92 -14.51
CA GLN B 82 7.49 -3.97 -13.06
C GLN B 82 7.98 -2.62 -12.51
N VAL B 83 7.07 -1.85 -11.92
CA VAL B 83 7.35 -0.51 -11.44
C VAL B 83 7.66 -0.56 -9.94
N LYS B 84 8.81 0.01 -9.56
CA LYS B 84 9.24 0.11 -8.17
C LYS B 84 9.52 1.57 -7.85
N ALA B 85 8.97 2.08 -6.75
CA ALA B 85 9.09 3.50 -6.45
C ALA B 85 9.36 3.72 -4.97
N ARG B 86 9.95 4.88 -4.66
CA ARG B 86 10.28 5.32 -3.31
C ARG B 86 10.38 6.84 -3.32
N VAL B 87 9.99 7.45 -2.21
CA VAL B 87 10.19 8.87 -1.99
C VAL B 87 11.58 9.07 -1.41
N ILE B 88 12.34 10.01 -1.98
CA ILE B 88 13.69 10.30 -1.52
C ILE B 88 13.65 11.62 -0.76
N THR B 89 14.25 11.63 0.42
CA THR B 89 14.18 12.79 1.31
C THR B 89 15.49 13.60 1.29
N ALA B 93 22.60 8.38 1.20
CA ALA B 93 21.78 7.55 2.07
C ALA B 93 21.29 6.32 1.33
N ASN B 94 22.07 5.24 1.40
CA ASN B 94 21.76 4.03 0.65
C ASN B 94 20.44 3.39 1.09
N GLY B 95 20.06 3.53 2.36
CA GLY B 95 18.87 2.87 2.85
C GLY B 95 17.57 3.36 2.23
N GLU B 96 17.59 4.51 1.58
CA GLU B 96 16.40 5.03 0.91
C GLU B 96 16.30 4.58 -0.54
N ARG B 97 17.40 4.08 -1.11
CA ARG B 97 17.41 3.50 -2.44
C ARG B 97 16.87 2.07 -2.47
N GLN B 98 16.44 1.53 -1.34
CA GLN B 98 16.02 0.14 -1.29
C GLN B 98 14.65 -0.03 -1.92
N LEU B 99 14.54 -0.99 -2.82
CA LEU B 99 13.29 -1.29 -3.52
C LEU B 99 12.60 -2.50 -2.89
N SER B 100 11.28 -2.57 -3.07
CA SER B 100 10.51 -3.68 -2.56
C SER B 100 10.98 -5.00 -3.17
N THR B 101 10.59 -6.09 -2.51
CA THR B 101 11.11 -7.41 -2.86
C THR B 101 10.56 -7.88 -4.20
N ILE B 102 11.46 -8.39 -5.05
CA ILE B 102 11.09 -9.06 -6.29
C ILE B 102 11.08 -10.56 -6.06
N ARG B 103 9.97 -11.21 -6.40
CA ARG B 103 9.83 -12.66 -6.27
C ARG B 103 9.44 -13.31 -7.59
N SER B 104 9.46 -12.54 -8.69
CA SER B 104 9.16 -13.08 -10.00
C SER B 104 10.00 -12.34 -11.03
N TRP B 105 10.62 -13.09 -11.94
CA TRP B 105 11.42 -12.52 -13.01
C TRP B 105 10.72 -12.59 -14.35
N ASP B 106 9.39 -12.67 -14.33
CA ASP B 106 8.62 -12.86 -15.56
C ASP B 106 8.10 -11.50 -16.04
N PHE B 107 9.04 -10.70 -16.53
CA PHE B 107 8.76 -9.36 -17.01
C PHE B 107 9.95 -8.93 -17.86
N ASP B 108 9.76 -7.85 -18.63
CA ASP B 108 10.77 -7.44 -19.59
C ASP B 108 11.70 -6.35 -19.07
N ALA B 109 11.19 -5.43 -18.26
CA ALA B 109 12.04 -4.41 -17.66
C ALA B 109 11.34 -3.85 -16.43
N ALA B 110 12.13 -3.29 -15.54
CA ALA B 110 11.62 -2.56 -14.40
C ALA B 110 11.75 -1.06 -14.65
N VAL B 111 10.80 -0.30 -14.12
CA VAL B 111 10.84 1.15 -14.17
C VAL B 111 10.94 1.66 -12.73
N ILE B 112 12.06 2.29 -12.41
CA ILE B 112 12.34 2.78 -11.07
C ILE B 112 12.02 4.26 -11.02
N VAL B 113 11.19 4.66 -10.05
CA VAL B 113 10.73 6.03 -9.92
C VAL B 113 11.09 6.54 -8.53
N LEU B 114 12.01 7.50 -8.45
CA LEU B 114 12.36 8.18 -7.21
C LEU B 114 11.76 9.57 -7.18
N PHE B 115 10.84 9.80 -6.25
CA PHE B 115 10.24 11.11 -6.03
C PHE B 115 11.04 11.89 -5.00
N ASP B 116 10.93 13.21 -5.05
CA ASP B 116 11.32 14.00 -3.90
C ASP B 116 10.09 14.15 -2.99
N ASP B 117 10.23 14.89 -1.89
CA ASP B 117 9.12 15.02 -0.95
C ASP B 117 7.90 15.73 -1.53
N ASN B 118 8.04 16.50 -2.60
CA ASN B 118 6.88 17.12 -3.24
C ASN B 118 6.20 16.19 -4.22
N PHE B 119 6.73 14.97 -4.38
CA PHE B 119 6.25 14.02 -5.38
C PHE B 119 6.46 14.54 -6.80
N ARG B 120 7.58 15.23 -7.00
CA ARG B 120 8.07 15.46 -8.36
C ARG B 120 9.11 14.40 -8.64
N VAL B 121 9.18 13.97 -9.88
CA VAL B 121 10.04 12.84 -10.21
C VAL B 121 11.47 13.35 -10.23
N TRP B 122 12.31 12.77 -9.39
CA TRP B 122 13.70 13.19 -9.27
C TRP B 122 14.60 12.38 -10.16
N ARG B 123 14.47 11.06 -10.11
CA ARG B 123 15.16 10.18 -11.04
C ARG B 123 14.20 9.09 -11.48
N ALA B 124 14.29 8.69 -12.74
CA ALA B 124 13.53 7.57 -13.25
C ALA B 124 14.37 6.82 -14.28
N ALA B 125 14.24 5.49 -14.30
CA ALA B 125 15.13 4.68 -15.11
C ALA B 125 14.43 3.39 -15.52
N ARG B 126 14.69 2.96 -16.74
CA ARG B 126 14.14 1.73 -17.30
C ARG B 126 15.28 0.72 -17.34
N VAL B 127 15.16 -0.33 -16.55
CA VAL B 127 16.24 -1.30 -16.35
C VAL B 127 15.79 -2.64 -16.92
N PRO B 128 16.50 -3.20 -17.89
CA PRO B 128 16.14 -4.54 -18.39
C PRO B 128 16.20 -5.58 -17.28
N ALA B 129 15.33 -6.59 -17.40
CA ALA B 129 15.30 -7.67 -16.43
C ALA B 129 16.68 -8.24 -16.16
N ALA B 130 17.52 -8.33 -17.20
CA ALA B 130 18.86 -8.90 -17.02
C ALA B 130 19.68 -8.08 -16.04
N ILE B 131 19.66 -6.74 -16.20
CA ILE B 131 20.44 -5.90 -15.31
C ILE B 131 19.84 -5.88 -13.91
N MET B 132 18.52 -6.01 -13.79
CA MET B 132 17.90 -6.14 -12.48
C MET B 132 18.39 -7.38 -11.76
N LYS B 133 18.31 -8.53 -12.44
CA LYS B 133 18.84 -9.78 -11.88
C LYS B 133 20.31 -9.62 -11.48
N GLU B 134 21.13 -9.14 -12.41
CA GLU B 134 22.54 -8.90 -12.14
C GLU B 134 22.75 -8.03 -10.90
N ALA B 135 21.82 -7.11 -10.61
CA ALA B 135 21.99 -6.18 -9.50
C ALA B 135 21.28 -6.64 -8.23
N ALA B 136 20.43 -7.64 -8.33
CA ALA B 136 19.68 -8.10 -7.16
C ALA B 136 20.53 -9.12 -6.41
N TYR B 137 20.19 -9.34 -5.15
CA TYR B 137 20.78 -10.43 -4.38
C TYR B 137 19.66 -11.15 -3.64
N TYR B 138 19.69 -12.48 -3.69
CA TYR B 138 18.69 -13.29 -3.00
C TYR B 138 18.80 -13.08 -1.50
N SER B 139 17.65 -13.10 -0.82
CA SER B 139 17.59 -13.00 0.62
C SER B 139 16.77 -14.18 1.15
N GLN B 140 17.35 -14.92 2.11
CA GLN B 140 16.71 -16.16 2.55
C GLN B 140 15.57 -15.93 3.54
N HIS B 141 15.69 -14.97 4.45
CA HIS B 141 14.59 -14.77 5.40
C HIS B 141 13.35 -14.19 4.73
N VAL B 142 13.49 -13.48 3.61
CA VAL B 142 12.33 -12.92 2.92
C VAL B 142 11.95 -13.76 1.72
N ARG B 143 12.80 -14.70 1.31
CA ARG B 143 12.51 -15.63 0.23
C ARG B 143 12.29 -14.89 -1.09
N GLY B 144 13.21 -13.97 -1.40
CA GLY B 144 13.09 -13.19 -2.60
C GLY B 144 14.38 -12.44 -2.90
N TYR B 145 14.25 -11.43 -3.77
CA TYR B 145 15.41 -10.67 -4.23
C TYR B 145 15.22 -9.20 -3.93
N THR B 146 16.30 -8.55 -3.49
CA THR B 146 16.28 -7.13 -3.13
C THR B 146 17.20 -6.36 -4.08
N VAL B 147 16.69 -5.23 -4.57
CA VAL B 147 17.45 -4.36 -5.48
C VAL B 147 17.54 -2.99 -4.85
N TYR B 148 18.75 -2.44 -4.83
CA TYR B 148 18.98 -1.06 -4.40
C TYR B 148 19.16 -0.18 -5.64
N ALA B 149 18.38 0.89 -5.71
CA ALA B 149 18.41 1.80 -6.85
C ALA B 149 19.55 2.80 -6.71
N LYS B 150 20.78 2.28 -6.71
CA LYS B 150 21.95 3.11 -6.57
C LYS B 150 22.24 3.83 -7.88
N ASP B 151 23.00 4.92 -7.78
CA ASP B 151 23.41 5.65 -8.97
C ASP B 151 24.07 4.74 -10.00
N ALA B 152 24.84 3.76 -9.53
CA ALA B 152 25.56 2.86 -10.44
C ALA B 152 24.59 2.09 -11.34
N LEU B 153 23.43 1.74 -10.82
CA LEU B 153 22.40 1.16 -11.67
C LEU B 153 21.74 2.22 -12.53
N LEU B 154 21.44 3.38 -11.93
CA LEU B 154 20.72 4.44 -12.64
C LEU B 154 21.49 4.96 -13.84
N ASN B 155 22.82 4.91 -13.80
CA ASN B 155 23.64 5.45 -14.87
C ASN B 155 24.18 4.31 -15.73
N HIS B 156 23.78 4.30 -17.00
CA HIS B 156 24.21 3.33 -18.02
C HIS B 156 23.92 1.92 -17.50
N SER B 157 24.86 0.98 -17.58
CA SER B 157 24.59 -0.45 -17.51
C SER B 157 23.56 -0.85 -18.56
N GLU B 158 23.36 0.02 -19.56
CA GLU B 158 22.40 -0.16 -20.65
C GLU B 158 20.96 0.02 -20.18
N VAL B 159 20.77 0.90 -19.20
CA VAL B 159 19.46 1.30 -18.71
C VAL B 159 19.15 2.67 -19.29
N GLU B 160 17.86 2.93 -19.49
CA GLU B 160 17.39 4.18 -20.10
C GLU B 160 16.95 5.17 -19.03
N ASP B 161 17.36 6.43 -19.20
CA ASP B 161 16.90 7.51 -18.35
C ASP B 161 15.48 7.89 -18.76
N TRP B 162 14.52 7.67 -17.87
CA TRP B 162 13.12 8.03 -18.11
C TRP B 162 12.69 9.23 -17.28
N THR B 163 13.65 10.03 -16.79
CA THR B 163 13.34 11.07 -15.84
C THR B 163 12.48 12.17 -16.47
N GLU B 164 12.98 12.78 -17.55
CA GLU B 164 12.23 13.87 -18.18
C GLU B 164 10.93 13.37 -18.80
N GLN B 165 10.90 12.12 -19.27
CA GLN B 165 9.68 11.56 -19.82
C GLN B 165 8.58 11.49 -18.76
N LEU B 166 8.93 11.09 -17.54
CA LEU B 166 7.95 10.99 -16.48
C LEU B 166 7.58 12.36 -15.92
N ARG B 167 8.51 13.31 -16.01
CA ARG B 167 8.22 14.69 -15.61
C ARG B 167 7.29 15.38 -16.61
N SER B 168 7.30 14.92 -17.87
CA SER B 168 6.48 15.55 -18.89
C SER B 168 4.99 15.26 -18.72
N VAL B 169 4.65 13.99 -18.50
CA VAL B 169 3.25 13.60 -18.29
C VAL B 169 2.69 14.12 -16.97
N GLU B 170 3.55 14.76 -16.17
CA GLU B 170 3.13 15.32 -14.89
C GLU B 170 2.02 16.35 -15.05
#